data_4JCW
#
_entry.id   4JCW
#
_cell.length_a   35.936
_cell.length_b   43.212
_cell.length_c   64.300
_cell.angle_alpha   88.75
_cell.angle_beta   81.29
_cell.angle_gamma   82.70
#
_symmetry.space_group_name_H-M   'P 1'
#
loop_
_entity.id
_entity.type
_entity.pdbx_description
1 polymer 'cellulose binding protein'
2 branched beta-D-glucopyranose-(1-4)-beta-D-glucopyranose-(1-4)-beta-D-glucopyranose-(1-4)-beta-D-glucopyranose-(1-4)-beta-D-glucopyranose
3 water water
#
_entity_poly.entity_id   1
_entity_poly.type   'polypeptide(L)'
_entity_poly.pdbx_seq_one_letter_code
;MTTHGRATHYSLGQGNTIANGNCSMPAVPADRMYVAVSSPEYSGAAACGTFLDVTGPKGTVRVQVADQCHGCEVGHLDLS
EEAFRALGDFNAGIIPISYVTVRDPAGPTVAIRVKEGSSRWWAGLQVLNAGNRIDRVEIQAGRQWLPLTRTDYGYWVTPS
PIQDGPLTVKVTDQYGRAVVLPGLRMAPGEIQRTASRFYPVH
;
_entity_poly.pdbx_strand_id   A,B
#
loop_
_chem_comp.id
_chem_comp.type
_chem_comp.name
_chem_comp.formula
BGC D-saccharide, beta linking beta-D-glucopyranose 'C6 H12 O6'
#
# COMPACT_ATOMS: atom_id res chain seq x y z
N MET A 1 1.26 11.83 -29.65
CA MET A 1 2.21 12.89 -29.96
C MET A 1 3.53 12.62 -29.27
N THR A 2 4.61 13.08 -29.90
CA THR A 2 5.95 12.94 -29.35
C THR A 2 6.23 14.06 -28.36
N THR A 3 6.76 13.70 -27.20
CA THR A 3 7.12 14.68 -26.20
C THR A 3 8.63 14.89 -26.25
N HIS A 4 9.06 16.15 -26.29
CA HIS A 4 10.48 16.46 -26.24
C HIS A 4 10.84 17.00 -24.87
N GLY A 5 11.82 16.38 -24.23
CA GLY A 5 12.17 16.76 -22.89
C GLY A 5 13.53 16.28 -22.44
N ARG A 6 13.60 15.79 -21.21
CA ARG A 6 14.87 15.39 -20.64
C ARG A 6 14.70 14.19 -19.71
N ALA A 7 15.81 13.52 -19.41
CA ALA A 7 15.79 12.41 -18.46
C ALA A 7 16.84 12.57 -17.39
N THR A 8 16.51 12.14 -16.18
CA THR A 8 17.47 11.91 -15.13
C THR A 8 17.39 10.43 -14.84
N HIS A 9 18.15 9.97 -13.85
CA HIS A 9 18.10 8.55 -13.48
C HIS A 9 17.90 8.31 -11.97
N TYR A 10 17.33 7.16 -11.66
CA TYR A 10 17.21 6.68 -10.30
C TYR A 10 17.16 5.16 -10.32
N SER A 11 17.01 4.52 -9.17
CA SER A 11 16.84 3.07 -9.14
C SER A 11 15.81 2.63 -8.11
N LEU A 12 14.93 1.70 -8.50
CA LEU A 12 14.07 1.02 -7.54
C LEU A 12 14.86 -0.04 -6.77
N GLY A 13 16.02 -0.41 -7.32
CA GLY A 13 16.82 -1.49 -6.77
C GLY A 13 16.43 -2.83 -7.36
N GLN A 14 16.73 -3.92 -6.65
CA GLN A 14 16.38 -5.26 -7.08
C GLN A 14 14.90 -5.53 -6.81
N GLY A 15 14.39 -4.95 -5.74
CA GLY A 15 12.97 -5.00 -5.48
C GLY A 15 12.46 -6.25 -4.79
N ASN A 16 11.17 -6.51 -4.95
CA ASN A 16 10.49 -7.54 -4.22
C ASN A 16 9.34 -8.12 -5.04
N THR A 17 8.59 -9.04 -4.46
CA THR A 17 7.49 -9.66 -5.17
C THR A 17 6.11 -9.11 -4.79
N ILE A 18 6.09 -7.98 -4.08
CA ILE A 18 4.82 -7.42 -3.60
C ILE A 18 4.45 -6.15 -4.35
N ALA A 19 5.33 -5.16 -4.31
CA ALA A 19 5.02 -3.85 -4.83
C ALA A 19 6.30 -3.10 -5.15
N ASN A 20 6.48 -2.80 -6.44
CA ASN A 20 7.68 -2.10 -6.89
C ASN A 20 7.26 -0.83 -7.61
N GLY A 21 7.71 0.33 -7.11
CA GLY A 21 7.28 1.61 -7.67
C GLY A 21 5.87 1.95 -7.28
N ASN A 22 5.45 3.18 -7.61
CA ASN A 22 4.15 3.66 -7.19
C ASN A 22 3.04 2.85 -7.85
N CYS A 23 3.33 2.24 -8.99
CA CYS A 23 2.38 1.35 -9.69
C CYS A 23 2.22 0.00 -9.02
N SER A 24 3.03 -0.25 -8.00
CA SER A 24 3.03 -1.52 -7.26
C SER A 24 3.16 -2.75 -8.18
N MET A 25 4.12 -2.72 -9.10
CA MET A 25 4.38 -3.85 -9.99
CA MET A 25 4.34 -3.84 -9.98
C MET A 25 4.77 -5.06 -9.18
N PRO A 26 4.36 -6.26 -9.63
CA PRO A 26 4.70 -7.53 -8.96
C PRO A 26 6.21 -7.77 -8.95
N ALA A 27 6.92 -7.09 -9.83
CA ALA A 27 8.36 -7.27 -9.97
C ALA A 27 8.95 -6.08 -10.68
N VAL A 28 10.23 -5.83 -10.42
CA VAL A 28 10.98 -4.94 -11.29
C VAL A 28 11.16 -5.71 -12.59
N PRO A 29 10.93 -5.05 -13.74
CA PRO A 29 11.16 -5.67 -15.04
C PRO A 29 12.54 -6.35 -15.11
N ALA A 30 12.58 -7.57 -15.60
CA ALA A 30 13.82 -8.33 -15.69
C ALA A 30 14.94 -7.57 -16.41
N ASP A 31 14.58 -6.83 -17.45
CA ASP A 31 15.56 -6.07 -18.23
C ASP A 31 15.90 -4.72 -17.59
N ARG A 32 15.26 -4.45 -16.44
CA ARG A 32 15.50 -3.23 -15.67
C ARG A 32 15.16 -1.95 -16.45
N MET A 33 14.29 -2.08 -17.45
CA MET A 33 13.88 -0.94 -18.25
C MET A 33 12.55 -0.39 -17.74
N TYR A 34 12.62 0.63 -16.89
CA TYR A 34 11.41 1.20 -16.31
C TYR A 34 11.63 2.69 -16.16
N VAL A 35 10.56 3.39 -15.83
CA VAL A 35 10.62 4.83 -15.74
C VAL A 35 9.61 5.33 -14.72
N ALA A 36 9.97 6.39 -14.01
CA ALA A 36 9.02 7.14 -13.20
C ALA A 36 8.63 8.39 -13.98
N VAL A 37 7.35 8.73 -13.98
CA VAL A 37 6.88 9.88 -14.72
C VAL A 37 6.29 10.96 -13.82
N SER A 38 6.19 12.17 -14.38
CA SER A 38 5.60 13.32 -13.72
C SER A 38 4.20 12.99 -13.19
N SER A 39 3.76 13.74 -12.20
CA SER A 39 2.41 13.53 -11.66
C SER A 39 1.28 13.66 -12.71
N PRO A 40 1.34 14.70 -13.57
CA PRO A 40 0.28 14.76 -14.60
C PRO A 40 0.30 13.57 -15.55
N GLU A 41 1.49 13.11 -15.95
CA GLU A 41 1.60 11.99 -16.86
C GLU A 41 1.30 10.67 -16.17
N TYR A 42 1.52 10.60 -14.86
CA TYR A 42 1.15 9.42 -14.10
C TYR A 42 -0.35 9.25 -14.11
N SER A 43 -1.05 10.39 -14.10
CA SER A 43 -2.51 10.43 -14.25
C SER A 43 -3.24 9.53 -13.25
N GLY A 44 -2.93 9.69 -11.96
CA GLY A 44 -3.56 8.92 -10.91
C GLY A 44 -3.36 7.42 -11.08
N ALA A 45 -2.20 7.06 -11.64
CA ALA A 45 -1.80 5.66 -11.94
C ALA A 45 -2.41 5.08 -13.20
N ALA A 46 -3.18 5.87 -13.95
CA ALA A 46 -3.72 5.37 -15.21
C ALA A 46 -2.61 5.04 -16.21
N ALA A 47 -1.42 5.61 -16.00
CA ALA A 47 -0.30 5.34 -16.91
C ALA A 47 0.42 4.06 -16.54
N CYS A 48 0.09 3.49 -15.38
CA CYS A 48 0.72 2.26 -14.94
C CYS A 48 0.50 1.11 -15.94
N GLY A 49 1.56 0.36 -16.20
CA GLY A 49 1.47 -0.76 -17.12
C GLY A 49 1.79 -0.41 -18.56
N THR A 50 1.72 0.88 -18.89
CA THR A 50 2.01 1.32 -20.26
C THR A 50 3.51 1.40 -20.51
N PHE A 51 3.89 1.55 -21.77
CA PHE A 51 5.29 1.62 -22.15
C PHE A 51 5.60 2.88 -22.93
N LEU A 52 6.82 3.38 -22.78
CA LEU A 52 7.31 4.50 -23.58
C LEU A 52 8.47 4.04 -24.44
N ASP A 53 8.46 4.42 -25.71
CA ASP A 53 9.68 4.37 -26.53
C ASP A 53 10.41 5.69 -26.35
N VAL A 54 11.63 5.61 -25.85
CA VAL A 54 12.41 6.79 -25.52
C VAL A 54 13.65 6.88 -26.41
N THR A 55 13.83 8.01 -27.08
CA THR A 55 15.01 8.21 -27.90
C THR A 55 15.96 9.20 -27.24
N GLY A 56 17.21 8.80 -27.06
CA GLY A 56 18.25 9.69 -26.55
C GLY A 56 19.48 9.72 -27.44
N PRO A 57 20.58 10.29 -26.95
CA PRO A 57 21.80 10.42 -27.76
C PRO A 57 22.29 9.09 -28.35
N LYS A 58 22.20 8.00 -27.60
CA LYS A 58 22.73 6.70 -28.07
C LYS A 58 21.75 5.88 -28.91
N GLY A 59 20.46 6.20 -28.85
CA GLY A 59 19.48 5.43 -29.61
C GLY A 59 18.12 5.44 -28.96
N THR A 60 17.40 4.33 -29.07
CA THR A 60 16.03 4.21 -28.61
C THR A 60 15.84 2.94 -27.77
N VAL A 61 15.19 3.09 -26.62
CA VAL A 61 14.85 1.93 -25.78
C VAL A 61 13.40 2.04 -25.34
N ARG A 62 12.84 0.91 -24.91
CA ARG A 62 11.47 0.88 -24.38
C ARG A 62 11.51 0.73 -22.86
N VAL A 63 10.71 1.51 -22.15
CA VAL A 63 10.65 1.40 -20.70
C VAL A 63 9.21 1.24 -20.24
N GLN A 64 9.01 0.45 -19.18
CA GLN A 64 7.70 0.31 -18.59
C GLN A 64 7.45 1.43 -17.60
N VAL A 65 6.27 2.04 -17.66
CA VAL A 65 5.92 3.03 -16.65
C VAL A 65 5.63 2.28 -15.36
N ALA A 66 6.44 2.58 -14.36
CA ALA A 66 6.48 1.81 -13.12
C ALA A 66 6.16 2.65 -11.90
N ASP A 67 6.27 3.96 -12.02
CA ASP A 67 6.45 4.80 -10.85
C ASP A 67 6.07 6.24 -11.12
N GLN A 68 5.96 7.03 -10.06
CA GLN A 68 5.63 8.44 -10.15
C GLN A 68 6.81 9.26 -9.65
N CYS A 69 7.21 10.26 -10.43
CA CYS A 69 8.22 11.22 -10.00
C CYS A 69 7.54 12.55 -9.70
N HIS A 70 7.22 12.80 -8.43
CA HIS A 70 6.54 14.03 -8.02
C HIS A 70 7.30 15.31 -8.41
N GLY A 71 8.63 15.25 -8.35
CA GLY A 71 9.47 16.40 -8.66
C GLY A 71 9.81 16.56 -10.15
N CYS A 72 9.38 15.62 -10.98
CA CYS A 72 9.60 15.74 -12.43
C CYS A 72 8.51 16.58 -13.08
N GLU A 73 8.91 17.58 -13.87
CA GLU A 73 7.93 18.34 -14.63
C GLU A 73 7.50 17.49 -15.81
N VAL A 74 6.39 17.87 -16.44
CA VAL A 74 5.92 17.18 -17.63
C VAL A 74 7.02 17.24 -18.68
N GLY A 75 7.41 16.09 -19.24
CA GLY A 75 8.50 16.05 -20.21
C GLY A 75 9.83 15.58 -19.63
N HIS A 76 9.88 15.47 -18.31
CA HIS A 76 11.07 15.02 -17.60
C HIS A 76 10.80 13.60 -17.07
N LEU A 77 11.51 12.63 -17.63
CA LEU A 77 11.42 11.25 -17.18
C LEU A 77 12.52 10.93 -16.19
N ASP A 78 12.20 10.13 -15.18
CA ASP A 78 13.19 9.60 -14.29
C ASP A 78 13.42 8.13 -14.69
N LEU A 79 14.43 7.90 -15.51
CA LEU A 79 14.69 6.57 -16.05
C LEU A 79 15.43 5.69 -15.06
N SER A 80 15.26 4.38 -15.20
CA SER A 80 16.12 3.45 -14.48
C SER A 80 17.55 3.73 -14.89
N GLU A 81 18.49 3.41 -14.01
CA GLU A 81 19.91 3.54 -14.35
C GLU A 81 20.27 2.80 -15.64
N GLU A 82 19.68 1.63 -15.83
CA GLU A 82 19.97 0.79 -17.00
C GLU A 82 19.47 1.43 -18.30
N ALA A 83 18.28 2.00 -18.25
CA ALA A 83 17.71 2.70 -19.41
C ALA A 83 18.52 3.96 -19.70
N PHE A 84 18.91 4.66 -18.64
CA PHE A 84 19.71 5.87 -18.81
C PHE A 84 21.03 5.54 -19.49
N ARG A 85 21.72 4.49 -19.04
CA ARG A 85 23.03 4.16 -19.60
C ARG A 85 22.91 3.73 -21.06
N ALA A 86 21.77 3.16 -21.42
CA ALA A 86 21.56 2.70 -22.79
C ALA A 86 21.36 3.88 -23.73
N LEU A 87 20.89 5.00 -23.18
CA LEU A 87 20.59 6.18 -24.00
C LEU A 87 21.70 7.24 -23.94
N GLY A 88 22.44 7.29 -22.83
CA GLY A 88 23.43 8.34 -22.72
C GLY A 88 24.56 8.11 -21.73
N ASP A 89 25.28 9.18 -21.41
CA ASP A 89 26.39 9.11 -20.47
C ASP A 89 25.84 9.25 -19.06
N PHE A 90 26.01 8.18 -18.28
CA PHE A 90 25.49 8.12 -16.91
C PHE A 90 25.87 9.34 -16.07
N ASN A 91 27.13 9.75 -16.17
CA ASN A 91 27.64 10.84 -15.34
C ASN A 91 27.22 12.22 -15.80
N ALA A 92 26.55 12.31 -16.94
CA ALA A 92 26.01 13.57 -17.40
C ALA A 92 24.88 14.00 -16.48
N GLY A 93 24.22 13.02 -15.85
CA GLY A 93 23.15 13.28 -14.89
C GLY A 93 21.82 13.58 -15.55
N ILE A 94 21.87 14.23 -16.69
CA ILE A 94 20.66 14.62 -17.39
C ILE A 94 20.97 14.63 -18.88
N ILE A 95 20.05 14.10 -19.68
CA ILE A 95 20.22 14.03 -21.13
C ILE A 95 18.93 14.45 -21.82
N PRO A 96 19.05 15.02 -23.03
CA PRO A 96 17.85 15.36 -23.81
C PRO A 96 17.24 14.10 -24.41
N ILE A 97 15.92 14.01 -24.38
CA ILE A 97 15.22 12.88 -24.96
C ILE A 97 13.96 13.29 -25.70
N SER A 98 13.41 12.36 -26.45
CA SER A 98 12.06 12.51 -26.99
C SER A 98 11.39 11.17 -26.73
N TYR A 99 10.08 11.18 -26.46
CA TYR A 99 9.40 9.92 -26.19
C TYR A 99 7.95 9.87 -26.64
N VAL A 100 7.47 8.65 -26.82
CA VAL A 100 6.08 8.41 -27.18
C VAL A 100 5.54 7.24 -26.38
N THR A 101 4.23 7.25 -26.14
CA THR A 101 3.58 6.12 -25.50
C THR A 101 3.28 5.08 -26.58
N VAL A 102 3.69 3.84 -26.33
CA VAL A 102 3.52 2.77 -27.29
C VAL A 102 2.05 2.32 -27.38
N ARG A 103 1.53 2.23 -28.60
CA ARG A 103 0.20 1.66 -28.80
C ARG A 103 0.28 0.15 -29.00
N ASP A 104 -0.55 -0.59 -28.28
CA ASP A 104 -0.56 -2.06 -28.33
C ASP A 104 0.84 -2.65 -28.27
N PRO A 105 1.55 -2.45 -27.15
CA PRO A 105 2.91 -3.04 -27.09
C PRO A 105 2.84 -4.56 -27.09
N ALA A 106 3.79 -5.22 -27.76
CA ALA A 106 3.91 -6.67 -27.67
C ALA A 106 3.98 -7.11 -26.21
N GLY A 107 3.19 -8.12 -25.85
CA GLY A 107 3.13 -8.54 -24.45
C GLY A 107 2.42 -9.88 -24.28
N PRO A 108 2.49 -10.44 -23.06
CA PRO A 108 1.83 -11.71 -22.77
C PRO A 108 0.34 -11.53 -22.50
N THR A 109 -0.38 -12.62 -22.22
CA THR A 109 -1.81 -12.52 -21.93
C THR A 109 -2.10 -11.74 -20.66
N VAL A 110 -3.32 -11.22 -20.56
CA VAL A 110 -3.75 -10.46 -19.40
C VAL A 110 -3.68 -11.33 -18.15
N ALA A 111 -3.16 -10.77 -17.06
CA ALA A 111 -3.18 -11.49 -15.79
C ALA A 111 -3.83 -10.62 -14.72
N ILE A 112 -4.27 -11.26 -13.63
CA ILE A 112 -4.90 -10.53 -12.54
C ILE A 112 -4.26 -10.91 -11.22
N ARG A 113 -3.96 -9.92 -10.40
CA ARG A 113 -3.47 -10.19 -9.05
C ARG A 113 -4.38 -9.56 -8.01
N VAL A 114 -4.84 -10.36 -7.06
CA VAL A 114 -5.65 -9.86 -5.95
C VAL A 114 -4.70 -9.33 -4.88
N LYS A 115 -5.01 -8.14 -4.34
CA LYS A 115 -4.14 -7.50 -3.33
C LYS A 115 -4.04 -8.31 -2.04
N GLU A 116 -2.84 -8.32 -1.45
CA GLU A 116 -2.67 -8.85 -0.10
C GLU A 116 -3.71 -8.21 0.80
N GLY A 117 -4.28 -9.01 1.71
CA GLY A 117 -5.28 -8.51 2.64
C GLY A 117 -6.70 -8.44 2.10
N SER A 118 -6.91 -8.79 0.84
CA SER A 118 -8.26 -8.72 0.26
C SER A 118 -9.18 -9.80 0.82
N SER A 119 -10.48 -9.51 0.80
CA SER A 119 -11.52 -10.46 1.15
C SER A 119 -12.85 -10.05 0.51
N ARG A 120 -13.92 -10.77 0.84
CA ARG A 120 -15.24 -10.42 0.35
C ARG A 120 -15.69 -9.07 0.90
N TRP A 121 -15.07 -8.61 1.98
CA TRP A 121 -15.42 -7.33 2.59
C TRP A 121 -14.82 -6.15 1.84
N TRP A 122 -13.60 -6.35 1.36
CA TRP A 122 -12.91 -5.32 0.59
C TRP A 122 -11.78 -5.97 -0.18
N ALA A 123 -11.65 -5.63 -1.46
CA ALA A 123 -10.60 -6.23 -2.27
C ALA A 123 -10.00 -5.23 -3.24
N GLY A 124 -8.72 -5.44 -3.55
CA GLY A 124 -8.08 -4.75 -4.67
C GLY A 124 -7.71 -5.74 -5.76
N LEU A 125 -7.87 -5.32 -7.01
CA LEU A 125 -7.39 -6.10 -8.16
C LEU A 125 -6.39 -5.29 -9.00
N GLN A 126 -5.32 -5.94 -9.42
CA GLN A 126 -4.36 -5.32 -10.34
C GLN A 126 -4.39 -6.02 -11.68
N VAL A 127 -4.53 -5.23 -12.75
CA VAL A 127 -4.60 -5.76 -14.10
C VAL A 127 -3.21 -5.69 -14.72
N LEU A 128 -2.69 -6.86 -15.06
CA LEU A 128 -1.35 -6.98 -15.64
C LEU A 128 -1.46 -7.22 -17.15
N ASN A 129 -0.54 -6.63 -17.91
CA ASN A 129 -0.39 -6.87 -19.36
C ASN A 129 -1.55 -6.40 -20.23
N ALA A 130 -2.26 -5.36 -19.81
CA ALA A 130 -3.26 -4.73 -20.67
C ALA A 130 -2.58 -4.02 -21.84
N GLY A 131 -1.39 -3.47 -21.60
CA GLY A 131 -0.59 -2.85 -22.65
C GLY A 131 -0.86 -1.37 -22.81
N ASN A 132 -2.14 -1.03 -22.81
CA ASN A 132 -2.56 0.36 -22.93
C ASN A 132 -3.24 0.80 -21.63
N ARG A 133 -3.68 2.04 -21.58
CA ARG A 133 -4.43 2.51 -20.42
C ARG A 133 -5.75 1.75 -20.26
N ILE A 134 -6.10 1.44 -19.01
CA ILE A 134 -7.37 0.81 -18.69
C ILE A 134 -8.35 1.88 -18.23
N ASP A 135 -9.57 1.86 -18.76
CA ASP A 135 -10.54 2.89 -18.39
C ASP A 135 -11.51 2.44 -17.29
N ARG A 136 -11.85 1.15 -17.27
CA ARG A 136 -12.83 0.62 -16.33
C ARG A 136 -12.47 -0.81 -15.96
N VAL A 137 -12.72 -1.18 -14.71
CA VAL A 137 -12.62 -2.56 -14.26
C VAL A 137 -13.89 -2.84 -13.45
N GLU A 138 -14.65 -3.85 -13.87
CA GLU A 138 -15.94 -4.10 -13.24
C GLU A 138 -16.08 -5.55 -12.83
N ILE A 139 -16.76 -5.78 -11.71
CA ILE A 139 -16.99 -7.11 -11.22
C ILE A 139 -18.47 -7.45 -11.43
N GLN A 140 -18.75 -8.61 -12.00
CA GLN A 140 -20.13 -9.00 -12.26
C GLN A 140 -20.89 -9.19 -10.96
N ALA A 141 -22.10 -8.63 -10.91
CA ALA A 141 -23.04 -8.89 -9.83
C ALA A 141 -24.40 -9.16 -10.46
N GLY A 142 -24.60 -10.39 -10.92
CA GLY A 142 -25.83 -10.79 -11.58
C GLY A 142 -25.98 -10.14 -12.95
N ARG A 143 -27.03 -9.32 -13.08
CA ARG A 143 -27.31 -8.64 -14.34
C ARG A 143 -26.45 -7.41 -14.51
N GLN A 144 -25.82 -6.98 -13.41
CA GLN A 144 -25.09 -5.71 -13.41
C GLN A 144 -23.59 -5.87 -13.34
N TRP A 145 -22.90 -4.81 -13.72
CA TRP A 145 -21.47 -4.73 -13.57
C TRP A 145 -21.17 -3.65 -12.56
N LEU A 146 -20.53 -4.04 -11.46
CA LEU A 146 -20.18 -3.08 -10.41
C LEU A 146 -18.79 -2.50 -10.63
N PRO A 147 -18.70 -1.16 -10.70
CA PRO A 147 -17.42 -0.53 -11.01
C PRO A 147 -16.47 -0.56 -9.82
N LEU A 148 -15.22 -0.93 -10.08
CA LEU A 148 -14.15 -0.76 -9.09
C LEU A 148 -13.54 0.63 -9.24
N THR A 149 -12.90 1.11 -8.17
CA THR A 149 -12.31 2.44 -8.17
C THR A 149 -10.83 2.36 -8.46
N ARG A 150 -10.35 3.25 -9.34
CA ARG A 150 -8.91 3.27 -9.65
C ARG A 150 -8.18 3.92 -8.49
N THR A 151 -7.21 3.22 -7.92
CA THR A 151 -6.38 3.85 -6.89
C THR A 151 -5.18 4.51 -7.54
N ASP A 152 -4.45 5.30 -6.78
CA ASP A 152 -3.23 5.91 -7.30
C ASP A 152 -2.00 5.03 -7.13
N TYR A 153 -2.22 3.76 -6.75
CA TYR A 153 -1.09 2.83 -6.56
C TYR A 153 -1.16 1.55 -7.40
N GLY A 154 -1.98 1.58 -8.45
CA GLY A 154 -1.92 0.52 -9.46
C GLY A 154 -2.94 -0.59 -9.28
N TYR A 155 -3.86 -0.42 -8.33
CA TYR A 155 -4.91 -1.40 -8.10
C TYR A 155 -6.28 -0.80 -8.40
N TRP A 156 -7.29 -1.67 -8.46
CA TRP A 156 -8.67 -1.24 -8.56
C TRP A 156 -9.40 -1.85 -7.37
N VAL A 157 -10.18 -1.05 -6.66
CA VAL A 157 -10.70 -1.52 -5.40
C VAL A 157 -12.22 -1.49 -5.28
N THR A 158 -12.77 -2.37 -4.44
CA THR A 158 -14.20 -2.50 -4.23
C THR A 158 -14.76 -1.33 -3.43
N PRO A 159 -15.81 -0.68 -3.96
CA PRO A 159 -16.44 0.37 -3.16
C PRO A 159 -17.32 -0.21 -2.06
N SER A 160 -17.71 -1.47 -2.21
CA SER A 160 -18.63 -2.15 -1.31
C SER A 160 -18.32 -3.64 -1.28
N PRO A 161 -18.71 -4.34 -0.20
CA PRO A 161 -18.48 -5.78 -0.10
C PRO A 161 -19.04 -6.53 -1.31
N ILE A 162 -18.35 -7.60 -1.70
CA ILE A 162 -18.77 -8.40 -2.85
C ILE A 162 -19.09 -9.81 -2.37
N GLN A 163 -19.42 -10.71 -3.30
CA GLN A 163 -19.87 -12.05 -2.92
C GLN A 163 -18.73 -12.90 -2.35
N ASP A 164 -19.10 -13.98 -1.66
CA ASP A 164 -18.15 -14.93 -1.12
C ASP A 164 -18.01 -16.11 -2.09
N GLY A 165 -17.40 -15.85 -3.24
CA GLY A 165 -17.22 -16.89 -4.25
C GLY A 165 -16.37 -16.44 -5.42
N PRO A 166 -16.48 -17.16 -6.55
CA PRO A 166 -15.71 -16.88 -7.76
C PRO A 166 -16.08 -15.54 -8.37
N LEU A 167 -15.09 -14.84 -8.92
CA LEU A 167 -15.30 -13.49 -9.41
C LEU A 167 -15.22 -13.42 -10.94
N THR A 168 -16.17 -12.74 -11.56
CA THR A 168 -16.07 -12.42 -12.97
C THR A 168 -15.78 -10.94 -13.15
N VAL A 169 -14.69 -10.64 -13.85
CA VAL A 169 -14.23 -9.27 -14.01
C VAL A 169 -14.19 -8.85 -15.47
N LYS A 170 -14.69 -7.66 -15.77
CA LYS A 170 -14.59 -7.11 -17.11
C LYS A 170 -13.64 -5.91 -17.07
N VAL A 171 -12.65 -5.93 -17.94
CA VAL A 171 -11.67 -4.84 -18.02
C VAL A 171 -11.81 -4.21 -19.38
N THR A 172 -12.01 -2.90 -19.40
CA THR A 172 -12.16 -2.17 -20.65
C THR A 172 -11.02 -1.16 -20.82
N ASP A 173 -10.32 -1.24 -21.94
CA ASP A 173 -9.18 -0.36 -22.18
C ASP A 173 -9.62 0.98 -22.75
N GLN A 174 -8.65 1.86 -22.97
CA GLN A 174 -8.93 3.22 -23.39
C GLN A 174 -9.51 3.29 -24.81
N TYR A 175 -9.45 2.19 -25.55
CA TYR A 175 -9.95 2.15 -26.91
C TYR A 175 -11.30 1.42 -26.97
N GLY A 176 -11.86 1.13 -25.80
CA GLY A 176 -13.18 0.54 -25.73
C GLY A 176 -13.20 -0.96 -25.88
N ARG A 177 -12.03 -1.57 -25.95
CA ARG A 177 -11.94 -3.03 -26.03
C ARG A 177 -12.07 -3.64 -24.65
N ALA A 178 -12.90 -4.68 -24.53
CA ALA A 178 -13.12 -5.30 -23.23
C ALA A 178 -12.74 -6.76 -23.25
N VAL A 179 -12.15 -7.23 -22.15
CA VAL A 179 -12.00 -8.66 -21.93
C VAL A 179 -12.84 -9.06 -20.72
N VAL A 180 -13.43 -10.24 -20.76
CA VAL A 180 -14.18 -10.75 -19.62
C VAL A 180 -13.47 -11.95 -19.04
N LEU A 181 -13.14 -11.86 -17.76
CA LEU A 181 -12.32 -12.86 -17.08
C LEU A 181 -13.10 -13.58 -16.00
N PRO A 182 -13.60 -14.78 -16.29
CA PRO A 182 -14.41 -15.52 -15.30
C PRO A 182 -13.59 -16.41 -14.36
N GLY A 183 -14.21 -16.84 -13.27
CA GLY A 183 -13.61 -17.82 -12.38
C GLY A 183 -12.43 -17.34 -11.55
N LEU A 184 -12.27 -16.03 -11.44
CA LEU A 184 -11.15 -15.47 -10.69
C LEU A 184 -11.31 -15.76 -9.20
N ARG A 185 -10.25 -16.26 -8.57
CA ARG A 185 -10.30 -16.67 -7.17
C ARG A 185 -9.91 -15.55 -6.20
N MET A 186 -10.54 -15.56 -5.03
CA MET A 186 -10.11 -14.66 -3.96
C MET A 186 -8.81 -15.23 -3.41
N ALA A 187 -7.72 -14.99 -4.12
CA ALA A 187 -6.42 -15.57 -3.78
C ALA A 187 -5.39 -14.45 -3.69
N PRO A 188 -5.33 -13.78 -2.53
CA PRO A 188 -4.47 -12.58 -2.39
C PRO A 188 -3.02 -12.91 -2.69
N GLY A 189 -2.37 -12.02 -3.43
CA GLY A 189 -0.95 -12.15 -3.72
C GLY A 189 -0.61 -12.99 -4.94
N GLU A 190 -1.54 -13.83 -5.38
CA GLU A 190 -1.27 -14.74 -6.50
C GLU A 190 -1.51 -14.07 -7.84
N ILE A 191 -0.61 -14.30 -8.80
CA ILE A 191 -0.85 -13.82 -10.16
C ILE A 191 -1.66 -14.88 -10.91
N GLN A 192 -2.91 -14.56 -11.21
CA GLN A 192 -3.80 -15.47 -11.90
C GLN A 192 -3.72 -15.24 -13.41
N ARG A 193 -3.37 -16.30 -14.14
CA ARG A 193 -3.19 -16.21 -15.59
C ARG A 193 -4.53 -16.33 -16.31
N THR A 194 -4.63 -15.72 -17.48
CA THR A 194 -5.80 -15.91 -18.33
C THR A 194 -5.35 -16.17 -19.77
N ALA A 195 -6.31 -16.50 -20.62
CA ALA A 195 -6.02 -16.69 -22.04
C ALA A 195 -6.34 -15.42 -22.83
N SER A 196 -6.79 -14.38 -22.14
CA SER A 196 -7.35 -13.21 -22.81
C SER A 196 -6.31 -12.16 -23.23
N ARG A 197 -6.54 -11.54 -24.40
CA ARG A 197 -5.70 -10.45 -24.87
C ARG A 197 -6.56 -9.33 -25.42
N PHE A 198 -6.08 -8.10 -25.36
CA PHE A 198 -6.82 -6.98 -25.95
C PHE A 198 -6.61 -6.89 -27.46
N TYR A 199 -5.51 -7.47 -27.91
CA TYR A 199 -5.12 -7.43 -29.31
C TYR A 199 -4.27 -8.63 -29.66
N PRO A 200 -4.33 -9.09 -30.92
CA PRO A 200 -3.57 -10.26 -31.34
C PRO A 200 -2.05 -10.07 -31.27
N VAL A 201 -1.35 -11.20 -31.28
CA VAL A 201 0.10 -11.24 -31.19
C VAL A 201 0.75 -10.96 -32.53
N HIS A 202 1.68 -10.01 -32.56
CA HIS A 202 2.52 -9.79 -33.72
C HIS A 202 3.98 -9.55 -33.34
N MET B 1 -12.21 9.91 27.42
CA MET B 1 -13.25 9.35 28.28
C MET B 1 -13.88 8.12 27.66
N THR B 2 -15.04 7.70 28.18
CA THR B 2 -15.71 6.49 27.72
C THR B 2 -16.65 6.80 26.57
N THR B 3 -16.62 5.96 25.54
CA THR B 3 -17.50 6.10 24.39
C THR B 3 -18.59 5.05 24.52
N HIS B 4 -19.85 5.47 24.41
CA HIS B 4 -20.95 4.51 24.37
C HIS B 4 -21.48 4.37 22.94
N GLY B 5 -21.68 3.15 22.50
CA GLY B 5 -22.16 2.91 21.16
C GLY B 5 -22.54 1.48 20.88
N ARG B 6 -22.07 1.00 19.72
CA ARG B 6 -22.52 -0.28 19.20
C ARG B 6 -21.40 -0.97 18.44
N ALA B 7 -21.51 -2.28 18.31
CA ALA B 7 -20.56 -3.04 17.50
C ALA B 7 -21.26 -3.92 16.49
N THR B 8 -20.63 -4.07 15.33
CA THR B 8 -20.97 -5.09 14.38
C THR B 8 -19.74 -5.95 14.25
N HIS B 9 -19.77 -6.91 13.33
CA HIS B 9 -18.60 -7.75 13.12
C HIS B 9 -18.22 -7.93 11.65
N TYR B 10 -16.93 -8.19 11.42
CA TYR B 10 -16.41 -8.51 10.10
C TYR B 10 -15.17 -9.36 10.31
N SER B 11 -14.50 -9.74 9.22
CA SER B 11 -13.25 -10.48 9.38
C SER B 11 -12.17 -10.07 8.38
N LEU B 12 -10.94 -9.92 8.86
CA LEU B 12 -9.79 -9.85 7.97
C LEU B 12 -9.37 -11.26 7.53
N GLY B 13 -9.90 -12.27 8.22
CA GLY B 13 -9.58 -13.66 7.91
C GLY B 13 -8.22 -14.10 8.39
N GLN B 14 -7.68 -15.13 7.74
CA GLN B 14 -6.36 -15.66 8.09
C GLN B 14 -5.27 -14.61 7.98
N GLY B 15 -5.23 -13.90 6.86
CA GLY B 15 -4.27 -12.81 6.71
C GLY B 15 -2.95 -13.20 6.09
N ASN B 16 -2.01 -12.27 6.10
CA ASN B 16 -0.74 -12.42 5.42
C ASN B 16 0.39 -11.74 6.20
N THR B 17 1.60 -11.73 5.63
CA THR B 17 2.78 -11.17 6.31
C THR B 17 3.11 -9.76 5.85
N ILE B 18 2.33 -9.23 4.92
CA ILE B 18 2.61 -7.95 4.28
C ILE B 18 1.83 -6.79 4.91
N ALA B 19 0.51 -6.90 4.86
CA ALA B 19 -0.33 -5.79 5.28
C ALA B 19 -1.72 -6.31 5.60
N ASN B 20 -2.13 -6.15 6.85
CA ASN B 20 -3.43 -6.61 7.29
C ASN B 20 -4.17 -5.41 7.83
N GLY B 21 -5.31 -5.13 7.22
CA GLY B 21 -6.14 -3.99 7.59
C GLY B 21 -5.55 -2.70 7.04
N ASN B 22 -6.28 -1.60 7.19
CA ASN B 22 -5.84 -0.34 6.65
C ASN B 22 -4.56 0.12 7.36
N CYS B 23 -4.35 -0.36 8.59
CA CYS B 23 -3.12 -0.03 9.33
C CYS B 23 -1.90 -0.79 8.80
N SER B 24 -2.16 -1.69 7.84
CA SER B 24 -1.13 -2.57 7.28
C SER B 24 -0.30 -3.31 8.35
N MET B 25 -0.96 -3.93 9.31
CA MET B 25 -0.25 -4.67 10.34
CA MET B 25 -0.29 -4.72 10.35
C MET B 25 0.50 -5.85 9.69
N PRO B 26 1.69 -6.18 10.24
CA PRO B 26 2.50 -7.29 9.72
C PRO B 26 1.79 -8.62 9.88
N ALA B 27 0.81 -8.69 10.79
CA ALA B 27 0.04 -9.90 10.98
C ALA B 27 -1.31 -9.58 11.59
N VAL B 28 -2.28 -10.45 11.32
CA VAL B 28 -3.53 -10.43 12.08
C VAL B 28 -3.12 -10.95 13.46
N PRO B 29 -3.54 -10.27 14.53
CA PRO B 29 -3.15 -10.70 15.88
C PRO B 29 -3.41 -12.19 16.10
N ALA B 30 -2.51 -12.86 16.81
CA ALA B 30 -2.67 -14.30 17.06
C ALA B 30 -4.00 -14.62 17.76
N ASP B 31 -4.49 -13.71 18.59
CA ASP B 31 -5.72 -13.96 19.34
C ASP B 31 -6.96 -13.49 18.58
N ARG B 32 -6.76 -12.99 17.35
CA ARG B 32 -7.84 -12.52 16.49
C ARG B 32 -8.69 -11.42 17.13
N MET B 33 -8.10 -10.70 18.07
CA MET B 33 -8.79 -9.60 18.73
C MET B 33 -8.38 -8.28 18.10
N TYR B 34 -9.21 -7.80 17.18
CA TYR B 34 -8.91 -6.56 16.48
C TYR B 34 -10.21 -5.86 16.14
N VAL B 35 -10.08 -4.62 15.69
CA VAL B 35 -11.24 -3.79 15.42
C VAL B 35 -10.94 -2.81 14.27
N ALA B 36 -11.97 -2.50 13.49
CA ALA B 36 -11.90 -1.43 12.51
C ALA B 36 -12.68 -0.28 13.11
N VAL B 37 -12.11 0.93 13.07
CA VAL B 37 -12.80 2.07 13.68
C VAL B 37 -13.24 3.11 12.66
N SER B 38 -14.23 3.93 13.05
CA SER B 38 -14.75 5.00 12.21
C SER B 38 -13.63 5.90 11.72
N SER B 39 -13.81 6.51 10.56
CA SER B 39 -12.80 7.42 10.02
C SER B 39 -12.32 8.48 11.02
N PRO B 40 -13.24 9.14 11.75
CA PRO B 40 -12.71 10.17 12.67
C PRO B 40 -11.85 9.57 13.79
N GLU B 41 -12.22 8.38 14.24
CA GLU B 41 -11.46 7.68 15.27
C GLU B 41 -10.16 7.09 14.71
N TYR B 42 -10.17 6.73 13.44
CA TYR B 42 -8.96 6.23 12.78
C TYR B 42 -7.93 7.35 12.69
N SER B 43 -8.43 8.56 12.49
CA SER B 43 -7.61 9.78 12.55
C SER B 43 -6.37 9.73 11.68
N GLY B 44 -6.57 9.41 10.40
CA GLY B 44 -5.48 9.38 9.44
C GLY B 44 -4.44 8.33 9.76
N ALA B 45 -4.89 7.24 10.39
CA ALA B 45 -4.04 6.13 10.84
C ALA B 45 -3.33 6.41 12.15
N ALA B 46 -3.61 7.54 12.78
CA ALA B 46 -2.97 7.84 14.05
C ALA B 46 -3.43 6.87 15.15
N ALA B 47 -4.58 6.22 14.97
CA ALA B 47 -5.03 5.27 16.00
C ALA B 47 -4.41 3.89 15.78
N CYS B 48 -3.71 3.72 14.66
CA CYS B 48 -3.11 2.42 14.36
C CYS B 48 -2.20 1.96 15.49
N GLY B 49 -2.41 0.73 15.93
CA GLY B 49 -1.53 0.13 16.92
C GLY B 49 -2.02 0.32 18.34
N THR B 50 -2.96 1.23 18.54
CA THR B 50 -3.52 1.44 19.88
C THR B 50 -4.50 0.33 20.19
N PHE B 51 -4.91 0.23 21.46
CA PHE B 51 -5.85 -0.80 21.89
C PHE B 51 -7.09 -0.19 22.52
N LEU B 52 -8.23 -0.87 22.36
CA LEU B 52 -9.46 -0.48 23.03
C LEU B 52 -9.83 -1.57 24.02
N ASP B 53 -10.27 -1.17 25.21
CA ASP B 53 -10.92 -2.11 26.11
C ASP B 53 -12.42 -1.94 25.87
N VAL B 54 -13.06 -3.00 25.37
CA VAL B 54 -14.46 -2.93 24.97
C VAL B 54 -15.35 -3.73 25.90
N THR B 55 -16.35 -3.08 26.47
CA THR B 55 -17.32 -3.77 27.34
C THR B 55 -18.64 -4.01 26.62
N GLY B 56 -19.12 -5.25 26.66
CA GLY B 56 -20.40 -5.60 26.07
C GLY B 56 -21.20 -6.49 27.00
N PRO B 57 -22.28 -7.09 26.49
CA PRO B 57 -23.18 -7.93 27.29
C PRO B 57 -22.49 -9.08 28.04
N LYS B 58 -21.47 -9.69 27.45
CA LYS B 58 -20.81 -10.84 28.07
C LYS B 58 -19.61 -10.52 28.95
N GLY B 59 -19.02 -9.34 28.77
CA GLY B 59 -17.89 -8.93 29.58
C GLY B 59 -17.06 -7.87 28.92
N THR B 60 -15.74 -7.94 29.12
CA THR B 60 -14.82 -6.97 28.56
C THR B 60 -13.68 -7.67 27.85
N VAL B 61 -13.37 -7.22 26.62
CA VAL B 61 -12.19 -7.72 25.93
C VAL B 61 -11.37 -6.56 25.38
N ARG B 62 -10.10 -6.84 25.10
CA ARG B 62 -9.23 -5.85 24.48
C ARG B 62 -9.01 -6.18 23.01
N VAL B 63 -9.14 -5.15 22.18
CA VAL B 63 -8.88 -5.32 20.75
C VAL B 63 -7.83 -4.32 20.26
N GLN B 64 -6.99 -4.76 19.33
CA GLN B 64 -6.04 -3.89 18.66
C GLN B 64 -6.69 -3.13 17.50
N VAL B 65 -6.50 -1.82 17.45
CA VAL B 65 -6.96 -1.04 16.30
C VAL B 65 -6.10 -1.38 15.10
N ALA B 66 -6.76 -1.95 14.08
CA ALA B 66 -6.05 -2.55 12.95
C ALA B 66 -6.52 -1.98 11.61
N ASP B 67 -7.67 -1.30 11.61
CA ASP B 67 -8.36 -1.07 10.36
C ASP B 67 -9.27 0.15 10.47
N GLN B 68 -9.77 0.59 9.30
CA GLN B 68 -10.70 1.71 9.19
C GLN B 68 -12.05 1.19 8.72
N CYS B 69 -13.12 1.63 9.40
CA CYS B 69 -14.48 1.35 8.95
C CYS B 69 -15.12 2.63 8.45
N HIS B 70 -14.99 2.91 7.15
CA HIS B 70 -15.46 4.17 6.56
C HIS B 70 -16.93 4.43 6.82
N GLY B 71 -17.73 3.37 6.86
CA GLY B 71 -19.17 3.50 7.01
C GLY B 71 -19.65 3.62 8.45
N CYS B 72 -18.77 3.35 9.40
CA CYS B 72 -19.12 3.44 10.82
C CYS B 72 -19.20 4.88 11.29
N GLU B 73 -20.23 5.21 12.05
CA GLU B 73 -20.25 6.48 12.77
C GLU B 73 -19.35 6.35 13.96
N VAL B 74 -18.96 7.48 14.52
CA VAL B 74 -18.20 7.48 15.76
C VAL B 74 -19.02 6.79 16.84
N GLY B 75 -18.39 5.85 17.53
CA GLY B 75 -19.08 5.07 18.55
C GLY B 75 -19.49 3.70 18.05
N HIS B 76 -19.38 3.49 16.73
CA HIS B 76 -19.67 2.21 16.12
C HIS B 76 -18.35 1.50 15.77
N LEU B 77 -18.07 0.40 16.45
CA LEU B 77 -16.90 -0.40 16.17
C LEU B 77 -17.25 -1.60 15.28
N ASP B 78 -16.35 -1.95 14.37
CA ASP B 78 -16.50 -3.15 13.57
C ASP B 78 -15.45 -4.12 14.13
N LEU B 79 -15.92 -5.01 15.01
CA LEU B 79 -15.07 -5.95 15.71
C LEU B 79 -14.80 -7.19 14.87
N SER B 80 -13.65 -7.84 15.09
CA SER B 80 -13.44 -9.17 14.55
C SER B 80 -14.55 -10.09 15.04
N GLU B 81 -14.82 -11.16 14.29
CA GLU B 81 -15.85 -12.12 14.68
C GLU B 81 -15.57 -12.68 16.06
N GLU B 82 -14.30 -12.94 16.32
CA GLU B 82 -13.88 -13.51 17.60
C GLU B 82 -14.15 -12.57 18.77
N ALA B 83 -13.81 -11.30 18.59
CA ALA B 83 -14.07 -10.31 19.64
C ALA B 83 -15.56 -10.10 19.83
N PHE B 84 -16.32 -10.16 18.73
CA PHE B 84 -17.77 -10.03 18.80
C PHE B 84 -18.36 -11.19 19.60
N ARG B 85 -17.94 -12.41 19.27
CA ARG B 85 -18.46 -13.60 19.95
C ARG B 85 -18.12 -13.59 21.43
N ALA B 86 -16.97 -13.00 21.76
CA ALA B 86 -16.58 -12.90 23.17
C ALA B 86 -17.51 -11.96 23.94
N LEU B 87 -18.06 -10.97 23.25
CA LEU B 87 -18.88 -9.93 23.89
C LEU B 87 -20.39 -10.18 23.86
N GLY B 88 -20.86 -10.90 22.86
CA GLY B 88 -22.30 -11.08 22.70
C GLY B 88 -22.70 -12.19 21.75
N ASP B 89 -23.96 -12.16 21.33
CA ASP B 89 -24.52 -13.18 20.47
C ASP B 89 -24.23 -12.82 19.02
N PHE B 90 -23.38 -13.62 18.38
CA PHE B 90 -22.96 -13.41 17.00
C PHE B 90 -24.11 -13.08 16.05
N ASN B 91 -25.23 -13.78 16.18
CA ASN B 91 -26.34 -13.62 15.24
C ASN B 91 -27.24 -12.42 15.54
N ALA B 92 -26.96 -11.72 16.62
CA ALA B 92 -27.64 -10.47 16.90
C ALA B 92 -27.21 -9.43 15.87
N GLY B 93 -25.98 -9.57 15.38
CA GLY B 93 -25.48 -8.71 14.33
C GLY B 93 -24.98 -7.37 14.85
N ILE B 94 -25.69 -6.82 15.82
CA ILE B 94 -25.27 -5.58 16.46
C ILE B 94 -25.51 -5.65 17.97
N ILE B 95 -24.48 -5.29 18.75
CA ILE B 95 -24.59 -5.28 20.21
C ILE B 95 -24.24 -3.91 20.78
N PRO B 96 -24.84 -3.55 21.92
CA PRO B 96 -24.44 -2.31 22.59
C PRO B 96 -23.11 -2.50 23.31
N ILE B 97 -22.23 -1.52 23.18
CA ILE B 97 -20.93 -1.59 23.85
C ILE B 97 -20.57 -0.24 24.45
N SER B 98 -19.57 -0.24 25.34
CA SER B 98 -18.90 0.98 25.74
C SER B 98 -17.41 0.71 25.59
N TYR B 99 -16.61 1.72 25.30
CA TYR B 99 -15.18 1.46 25.19
C TYR B 99 -14.28 2.65 25.50
N VAL B 100 -13.02 2.33 25.82
CA VAL B 100 -12.01 3.33 26.05
C VAL B 100 -10.75 2.90 25.34
N THR B 101 -9.87 3.88 25.05
CA THR B 101 -8.55 3.58 24.51
C THR B 101 -7.62 3.30 25.69
N VAL B 102 -6.84 2.22 25.58
CA VAL B 102 -5.94 1.82 26.67
C VAL B 102 -4.71 2.73 26.73
N ARG B 103 -4.39 3.22 27.91
CA ARG B 103 -3.16 4.00 28.10
C ARG B 103 -2.03 3.06 28.51
N ASP B 104 -0.89 3.22 27.85
CA ASP B 104 0.27 2.35 28.08
C ASP B 104 -0.10 0.86 28.15
N PRO B 105 -0.69 0.31 27.06
CA PRO B 105 -1.03 -1.13 27.08
C PRO B 105 0.21 -1.99 27.24
N ALA B 106 0.11 -3.10 27.98
CA ALA B 106 1.22 -4.04 28.11
C ALA B 106 1.57 -4.53 26.72
N GLY B 107 2.87 -4.66 26.43
CA GLY B 107 3.30 -5.12 25.13
C GLY B 107 4.80 -5.22 24.97
N PRO B 108 5.26 -5.68 23.79
CA PRO B 108 6.69 -5.86 23.51
C PRO B 108 7.42 -4.54 23.30
N THR B 109 8.74 -4.62 23.11
CA THR B 109 9.51 -3.43 22.77
C THR B 109 9.14 -2.89 21.40
N VAL B 110 9.52 -1.63 21.18
CA VAL B 110 9.29 -0.99 19.88
C VAL B 110 10.01 -1.74 18.77
N ALA B 111 9.33 -1.92 17.64
CA ALA B 111 9.97 -2.48 16.45
C ALA B 111 9.72 -1.55 15.26
N ILE B 112 10.58 -1.64 14.26
CA ILE B 112 10.45 -0.86 13.04
C ILE B 112 10.47 -1.81 11.87
N ARG B 113 9.53 -1.62 10.94
CA ARG B 113 9.52 -2.34 9.68
C ARG B 113 9.62 -1.38 8.50
N VAL B 114 10.66 -1.57 7.70
CA VAL B 114 10.84 -0.78 6.50
C VAL B 114 9.93 -1.37 5.42
N LYS B 115 9.18 -0.51 4.75
CA LYS B 115 8.21 -0.95 3.73
C LYS B 115 8.88 -1.65 2.55
N GLU B 116 8.23 -2.68 2.03
CA GLU B 116 8.68 -3.29 0.78
CA GLU B 116 8.68 -3.30 0.78
C GLU B 116 8.87 -2.20 -0.27
N GLY B 117 9.94 -2.30 -1.05
CA GLY B 117 10.20 -1.34 -2.11
C GLY B 117 10.94 -0.08 -1.66
N SER B 118 11.31 -0.02 -0.38
CA SER B 118 12.04 1.15 0.11
C SER B 118 13.49 1.18 -0.35
N SER B 119 14.03 2.39 -0.49
CA SER B 119 15.42 2.60 -0.84
C SER B 119 15.83 3.96 -0.32
N ARG B 120 17.02 4.42 -0.69
CA ARG B 120 17.47 5.74 -0.29
C ARG B 120 16.70 6.85 -0.99
N TRP B 121 16.10 6.54 -2.14
CA TRP B 121 15.33 7.56 -2.85
C TRP B 121 13.99 7.82 -2.17
N TRP B 122 13.44 6.79 -1.54
CA TRP B 122 12.14 6.89 -0.88
C TRP B 122 11.94 5.67 -0.01
N ALA B 123 11.50 5.89 1.23
CA ALA B 123 11.26 4.78 2.13
C ALA B 123 10.06 5.07 3.01
N GLY B 124 9.45 3.99 3.49
CA GLY B 124 8.42 4.09 4.49
C GLY B 124 8.85 3.31 5.71
N LEU B 125 8.58 3.86 6.89
CA LEU B 125 8.83 3.14 8.13
C LEU B 125 7.53 2.88 8.89
N GLN B 126 7.37 1.67 9.41
CA GLN B 126 6.22 1.40 10.28
C GLN B 126 6.73 1.21 11.71
N VAL B 127 6.14 1.97 12.63
CA VAL B 127 6.49 1.84 14.05
C VAL B 127 5.53 0.88 14.74
N LEU B 128 6.08 -0.21 15.28
CA LEU B 128 5.26 -1.22 15.92
C LEU B 128 5.42 -1.17 17.44
N ASN B 129 4.32 -1.40 18.15
CA ASN B 129 4.32 -1.56 19.62
C ASN B 129 4.61 -0.28 20.40
N ALA B 130 4.30 0.87 19.81
CA ALA B 130 4.38 2.12 20.58
C ALA B 130 3.34 2.14 21.70
N GLY B 131 2.21 1.47 21.50
CA GLY B 131 1.18 1.36 22.53
C GLY B 131 0.17 2.48 22.49
N ASN B 132 0.65 3.69 22.37
CA ASN B 132 -0.20 4.87 22.31
C ASN B 132 -0.04 5.49 20.93
N ARG B 133 -0.70 6.62 20.69
CA ARG B 133 -0.53 7.33 19.43
CA ARG B 133 -0.54 7.39 19.46
C ARG B 133 0.89 7.89 19.34
N ILE B 134 1.43 7.86 18.12
CA ILE B 134 2.72 8.43 17.79
C ILE B 134 2.48 9.81 17.19
N ASP B 135 3.24 10.81 17.61
CA ASP B 135 3.06 12.14 17.09
C ASP B 135 4.09 12.51 16.01
N ARG B 136 5.27 11.93 16.09
CA ARG B 136 6.37 12.28 15.19
C ARG B 136 7.30 11.09 15.00
N VAL B 137 7.84 10.97 13.79
CA VAL B 137 8.88 10.00 13.50
C VAL B 137 9.90 10.72 12.64
N GLU B 138 11.16 10.73 13.08
CA GLU B 138 12.19 11.47 12.39
C GLU B 138 13.40 10.59 12.11
N ILE B 139 14.10 10.87 11.02
CA ILE B 139 15.34 10.18 10.73
C ILE B 139 16.47 11.17 10.93
N GLN B 140 17.54 10.70 11.56
CA GLN B 140 18.70 11.53 11.82
C GLN B 140 19.38 11.88 10.51
N ALA B 141 19.79 13.14 10.39
CA ALA B 141 20.53 13.62 9.24
C ALA B 141 21.56 14.61 9.78
N GLY B 142 22.66 14.07 10.31
CA GLY B 142 23.69 14.88 10.94
C GLY B 142 23.23 15.39 12.28
N ARG B 143 23.14 16.71 12.42
CA ARG B 143 22.69 17.31 13.67
C ARG B 143 21.22 17.63 13.59
N GLN B 144 20.60 17.33 12.46
CA GLN B 144 19.18 17.61 12.29
C GLN B 144 18.36 16.34 12.30
N TRP B 145 17.06 16.51 12.55
CA TRP B 145 16.11 15.43 12.43
C TRP B 145 15.17 15.74 11.26
N LEU B 146 15.13 14.86 10.28
CA LEU B 146 14.23 14.98 9.13
C LEU B 146 12.88 14.34 9.46
N PRO B 147 11.81 15.14 9.40
CA PRO B 147 10.46 14.66 9.67
C PRO B 147 9.91 13.75 8.57
N LEU B 148 9.41 12.59 8.98
CA LEU B 148 8.65 11.74 8.07
C LEU B 148 7.17 12.11 8.10
N THR B 149 6.46 11.75 7.04
CA THR B 149 5.06 12.10 6.89
C THR B 149 4.17 10.91 7.27
N ARG B 150 3.14 11.15 8.07
CA ARG B 150 2.22 10.08 8.44
C ARG B 150 1.28 9.76 7.29
N THR B 151 1.32 8.52 6.80
CA THR B 151 0.38 8.11 5.77
C THR B 151 -0.89 7.59 6.41
N ASP B 152 -1.93 7.40 5.62
CA ASP B 152 -3.19 6.88 6.16
C ASP B 152 -3.23 5.34 6.16
N TYR B 153 -2.08 4.73 5.90
CA TYR B 153 -2.01 3.26 5.84
C TYR B 153 -0.99 2.62 6.81
N GLY B 154 -0.60 3.37 7.83
CA GLY B 154 0.15 2.79 8.93
C GLY B 154 1.64 2.97 8.84
N TYR B 155 2.10 3.69 7.82
CA TYR B 155 3.52 3.93 7.63
C TYR B 155 3.85 5.40 7.78
N TRP B 156 5.14 5.70 7.94
CA TRP B 156 5.66 7.06 7.87
C TRP B 156 6.67 7.11 6.74
N VAL B 157 6.56 8.12 5.88
CA VAL B 157 7.34 8.10 4.65
C VAL B 157 8.24 9.32 4.46
N THR B 158 9.35 9.11 3.75
CA THR B 158 10.33 10.15 3.47
C THR B 158 9.81 11.18 2.48
N PRO B 159 9.92 12.47 2.83
CA PRO B 159 9.54 13.56 1.91
C PRO B 159 10.60 13.79 0.84
N SER B 160 11.81 13.30 1.06
CA SER B 160 12.92 13.54 0.15
C SER B 160 13.94 12.42 0.32
N PRO B 161 14.79 12.20 -0.70
CA PRO B 161 15.79 11.13 -0.59
C PRO B 161 16.62 11.27 0.69
N ILE B 162 16.96 10.15 1.31
CA ILE B 162 17.78 10.20 2.53
C ILE B 162 19.21 9.78 2.26
N GLN B 163 20.10 10.09 3.20
CA GLN B 163 21.49 9.69 3.12
C GLN B 163 21.59 8.18 3.19
N ASP B 164 22.75 7.63 2.83
CA ASP B 164 22.97 6.20 3.04
C ASP B 164 23.65 5.97 4.39
N GLY B 165 23.92 4.71 4.72
CA GLY B 165 24.47 4.37 6.02
C GLY B 165 23.37 3.99 6.98
N PRO B 166 23.75 3.62 8.22
CA PRO B 166 22.78 3.19 9.25
C PRO B 166 21.75 4.27 9.57
N LEU B 167 20.50 3.87 9.74
CA LEU B 167 19.44 4.81 10.05
C LEU B 167 19.30 4.93 11.55
N THR B 168 19.18 6.16 12.02
CA THR B 168 18.85 6.44 13.41
C THR B 168 17.51 7.15 13.37
N VAL B 169 16.53 6.57 14.04
CA VAL B 169 15.16 7.06 13.99
C VAL B 169 14.70 7.48 15.39
N LYS B 170 14.08 8.65 15.48
CA LYS B 170 13.47 9.07 16.74
C LYS B 170 11.95 9.06 16.63
N VAL B 171 11.31 8.37 17.58
CA VAL B 171 9.86 8.28 17.60
C VAL B 171 9.36 8.99 18.85
N THR B 172 8.46 9.94 18.69
CA THR B 172 7.89 10.65 19.84
C THR B 172 6.38 10.35 19.95
N ASP B 173 5.93 9.94 21.14
CA ASP B 173 4.52 9.59 21.30
C ASP B 173 3.67 10.80 21.69
N GLN B 174 2.38 10.57 21.86
CA GLN B 174 1.45 11.65 22.14
C GLN B 174 1.70 12.35 23.49
N TYR B 175 2.48 11.71 24.35
CA TYR B 175 2.77 12.26 25.66
C TYR B 175 4.14 12.90 25.71
N GLY B 176 4.79 13.03 24.56
CA GLY B 176 6.07 13.69 24.51
C GLY B 176 7.24 12.79 24.84
N ARG B 177 6.98 11.50 25.03
CA ARG B 177 8.07 10.56 25.29
C ARG B 177 8.76 10.19 23.98
N ALA B 178 10.09 10.18 23.98
CA ALA B 178 10.80 9.82 22.77
C ALA B 178 11.67 8.59 22.96
N VAL B 179 11.72 7.76 21.94
CA VAL B 179 12.71 6.69 21.89
C VAL B 179 13.62 6.96 20.69
N VAL B 180 14.90 6.62 20.85
CA VAL B 180 15.88 6.77 19.78
C VAL B 180 16.43 5.39 19.40
N LEU B 181 16.35 5.07 18.12
CA LEU B 181 16.60 3.73 17.62
C LEU B 181 17.75 3.76 16.62
N PRO B 182 18.97 3.50 17.09
CA PRO B 182 20.13 3.61 16.19
C PRO B 182 20.40 2.30 15.49
N GLY B 183 21.18 2.35 14.42
CA GLY B 183 21.67 1.17 13.74
C GLY B 183 20.63 0.44 12.91
N LEU B 184 19.55 1.12 12.57
CA LEU B 184 18.50 0.47 11.79
C LEU B 184 18.98 0.26 10.37
N ARG B 185 18.56 -0.85 9.76
CA ARG B 185 19.04 -1.23 8.44
C ARG B 185 17.97 -0.95 7.37
N MET B 186 18.43 -0.59 6.18
CA MET B 186 17.54 -0.48 5.03
C MET B 186 17.21 -1.89 4.59
N ALA B 187 16.28 -2.53 5.30
CA ALA B 187 15.97 -3.94 5.11
C ALA B 187 14.48 -4.11 4.90
N PRO B 188 14.02 -3.88 3.66
CA PRO B 188 12.58 -3.84 3.36
C PRO B 188 11.90 -5.15 3.73
N GLY B 189 10.80 -5.07 4.47
CA GLY B 189 10.03 -6.24 4.84
C GLY B 189 10.34 -6.80 6.20
N GLU B 190 11.55 -6.53 6.70
CA GLU B 190 11.99 -7.14 7.95
C GLU B 190 11.46 -6.38 9.16
N ILE B 191 10.97 -7.11 10.15
CA ILE B 191 10.62 -6.48 11.43
C ILE B 191 11.89 -6.37 12.26
N GLN B 192 12.34 -5.14 12.47
CA GLN B 192 13.55 -4.91 13.26
C GLN B 192 13.17 -4.58 14.70
N ARG B 193 13.36 -5.55 15.59
CA ARG B 193 12.98 -5.35 16.98
C ARG B 193 14.09 -4.61 17.71
N THR B 194 13.71 -3.64 18.55
CA THR B 194 14.70 -2.83 19.26
C THR B 194 14.65 -3.06 20.76
N ALA B 195 15.58 -2.44 21.48
CA ALA B 195 15.59 -2.55 22.93
C ALA B 195 14.68 -1.51 23.58
N SER B 196 14.18 -0.57 22.81
CA SER B 196 13.47 0.59 23.38
C SER B 196 12.01 0.35 23.76
N ARG B 197 11.59 1.03 24.83
CA ARG B 197 10.18 1.01 25.27
CA ARG B 197 10.20 1.00 25.29
C ARG B 197 9.79 2.43 25.66
N PHE B 198 8.52 2.78 25.48
CA PHE B 198 8.07 4.11 25.90
C PHE B 198 7.78 4.14 27.40
N TYR B 199 7.57 2.97 27.96
CA TYR B 199 7.23 2.85 29.37
C TYR B 199 7.66 1.47 29.87
N PRO B 200 7.97 1.36 31.17
CA PRO B 200 8.43 0.06 31.70
C PRO B 200 7.40 -1.06 31.67
N VAL B 201 7.89 -2.29 31.75
CA VAL B 201 7.01 -3.46 31.79
C VAL B 201 6.33 -3.65 33.14
N HIS B 202 5.02 -3.85 33.11
CA HIS B 202 4.27 -4.31 34.28
C HIS B 202 3.16 -5.26 33.87
C2 BGC C . -9.66 -3.18 4.67
C2 BGC C . 8.62 5.08 -5.03
C3 BGC C . -8.53 -2.15 4.60
C3 BGC C . 7.14 4.81 -4.98
C4 BGC C . -8.90 -1.16 3.48
C4 BGC C . 6.51 5.87 -4.05
C5 BGC C . -10.20 -0.52 3.88
C5 BGC C . 6.80 7.20 -4.64
C6 BGC C . -10.66 0.40 2.73
C6 BGC C . 6.32 8.29 -3.66
C1 BGC C . -10.97 -2.46 5.00
C1 BGC C . 8.87 6.50 -5.57
O1 BGC C . -12.06 -3.39 5.08
O1 BGC C . 10.26 6.79 -5.69
O2 BGC C . -9.40 -4.16 5.69
O2 BGC C . 9.27 4.15 -5.91
O3 BGC C . -7.33 -2.86 4.26
O3 BGC C . 7.00 3.50 -4.44
O4 BGC C . -7.94 -0.08 3.26
O4 BGC C . 5.06 5.81 -3.85
O5 BGC C . -11.25 -1.51 3.97
O5 BGC C . 8.21 7.45 -4.70
O6 BGC C . -11.90 1.03 3.06
O6 BGC C . 6.61 9.59 -4.18
C2 BGC C . -6.24 0.96 1.98
C2 BGC C . 3.13 5.23 -2.64
C3 BGC C . -5.07 0.69 1.05
C3 BGC C . 2.58 4.25 -1.64
C4 BGC C . -4.05 -0.15 1.79
C4 BGC C . 2.65 2.85 -2.22
C5 BGC C . -4.70 -1.41 2.34
C5 BGC C . 4.05 2.54 -2.65
C6 BGC C . -3.64 -2.08 3.23
C6 BGC C . 3.95 1.20 -3.40
C1 BGC C . -6.82 -0.37 2.40
C1 BGC C . 4.55 4.85 -2.93
O2 BGC C . -7.28 1.63 1.24
O2 BGC C . 3.21 6.54 -2.04
O3 BGC C . -4.52 1.96 0.71
O3 BGC C . 1.20 4.60 -1.50
O4 BGC C . -2.86 -0.49 1.00
O4 BGC C . 2.14 1.78 -1.32
O5 BGC C . -5.84 -1.09 3.15
O5 BGC C . 4.55 3.55 -3.56
O6 BGC C . -4.12 -3.28 3.82
O6 BGC C . 5.21 0.79 -3.89
C2 BGC C . -0.62 -0.30 0.12
C2 BGC C . 0.63 0.21 -0.36
C3 BGC C . 0.57 0.64 0.12
C3 BGC C . -0.84 -0.18 -0.38
C4 BGC C . 0.16 1.95 -0.49
C4 BGC C . -1.65 1.00 0.07
C5 BGC C . -0.94 2.56 0.30
C5 BGC C . -1.44 2.18 -0.80
C6 BGC C . -1.34 3.88 -0.37
C6 BGC C . -2.21 3.31 -0.10
C1 BGC C . -1.72 0.38 0.96
C1 BGC C . 0.78 1.40 -1.32
O2 BGC C . -0.30 -1.54 0.75
O2 BGC C . 1.51 -0.87 -0.76
O3 BGC C . 1.62 0.01 -0.64
O3 BGC C . -1.02 -1.29 0.51
O4 BGC C . 1.25 2.87 -0.51
O4 BGC C . -3.06 0.80 0.08
O5 BGC C . -2.08 1.67 0.35
O5 BGC C . -0.04 2.50 -0.82
O6 BGC C . -1.75 3.70 -1.70
O6 BGC C . -2.08 4.55 -0.78
C2 BGC C . 2.79 4.34 -1.43
C2 BGC C . -5.21 0.59 0.90
C3 BGC C . 3.66 4.59 -2.62
C3 BGC C . -6.00 0.18 2.11
C4 BGC C . 4.61 3.42 -2.78
C4 BGC C . -5.71 -1.29 2.42
C5 BGC C . 3.78 2.13 -2.95
C5 BGC C . -4.22 -1.44 2.69
C6 BGC C . 4.73 0.91 -2.98
C6 BGC C . -3.92 -2.94 2.87
C1 BGC C . 2.05 3.07 -1.64
C1 BGC C . -3.78 0.39 1.23
O2 BGC C . 1.83 5.40 -1.32
O2 BGC C . -5.41 2.00 0.62
O3 BGC C . 4.33 5.81 -2.30
O3 BGC C . -7.35 0.40 1.71
O4 BGC C . 5.52 3.52 -3.91
O4 BGC C . -6.39 -1.85 3.57
O5 BGC C . 2.95 1.96 -1.81
O5 BGC C . -3.50 -0.99 1.54
O6 BGC C . 5.52 0.76 -1.79
O6 BGC C . -4.27 -3.72 1.72
C2 BGC C . 7.53 4.11 -4.98
C2 BGC C . -8.16 -2.95 4.65
C3 BGC C . 8.73 5.05 -4.90
C3 BGC C . -9.63 -3.29 4.51
C4 BGC C . 8.23 6.42 -5.19
C4 BGC C . -10.38 -2.02 4.61
C5 BGC C . 7.19 6.79 -4.14
C5 BGC C . -9.92 -1.10 3.49
C6 BGC C . 6.67 8.21 -4.41
C6 BGC C . -10.58 0.27 3.66
C1 BGC C . 6.58 4.50 -3.89
C1 BGC C . -7.79 -2.08 3.48
O2 BGC C . 8.02 2.79 -4.70
O2 BGC C . -7.42 -4.17 4.55
O3 BGC C . 9.74 4.67 -5.86
O3 BGC C . -10.06 -4.16 5.56
O4 BGC C . 9.35 7.32 -5.07
O4 BGC C . -11.77 -2.34 4.44
O5 BGC C . 6.08 5.85 -4.18
O5 BGC C . -8.52 -0.84 3.59
O6 BGC C . 5.70 8.57 -3.42
O6 BGC C . -11.99 0.11 3.61
#